data_8AIF
#
_entry.id   8AIF
#
_cell.length_a   39.199
_cell.length_b   52.936
_cell.length_c   167.763
_cell.angle_alpha   90.000
_cell.angle_beta   90.000
_cell.angle_gamma   90.000
#
_symmetry.space_group_name_H-M   'P 21 21 21'
#
loop_
_entity.id
_entity.type
_entity.pdbx_description
1 polymer 'YqxM protein required for localization of TasA to extracellular matrix'
2 non-polymer 'NITRATE ION'
3 non-polymer 1,2-ETHANEDIOL
4 water water
#
_entity_poly.entity_id   1
_entity_poly.type   'polypeptide(L)'
_entity_poly.pdbx_seq_one_letter_code
;DKRWDQSDLHISDQTDTKGTVCSPFALFAVLENTGEKLKKSKWKWELHKLENARKPLKDGNVIEKGFVSNQIGDSLYKIE
TKKKMKPGIYAFKVYKPAGYPANGSTFEWSEPMRLAKCDE
;
_entity_poly.pdbx_strand_id   A,B,C
#
loop_
_chem_comp.id
_chem_comp.type
_chem_comp.name
_chem_comp.formula
EDO non-polymer 1,2-ETHANEDIOL 'C2 H6 O2'
NO3 non-polymer 'NITRATE ION' 'N O3 -1'
#
# COMPACT_ATOMS: atom_id res chain seq x y z
N LYS A 2 34.17 -4.99 -6.05
CA LYS A 2 33.72 -5.55 -7.36
C LYS A 2 33.09 -6.93 -7.17
N ARG A 3 33.44 -7.68 -6.10
CA ARG A 3 32.74 -8.95 -5.85
C ARG A 3 31.30 -8.65 -5.43
N TRP A 4 30.36 -9.35 -6.07
CA TRP A 4 28.95 -9.41 -5.61
C TRP A 4 28.84 -10.43 -4.48
N ASP A 5 28.29 -9.95 -3.36
CA ASP A 5 28.19 -10.76 -2.11
C ASP A 5 26.94 -11.65 -2.18
N GLN A 6 26.21 -11.68 -3.32
CA GLN A 6 25.02 -12.55 -3.53
C GLN A 6 23.81 -12.02 -2.75
N SER A 7 23.88 -10.78 -2.27
CA SER A 7 22.70 -10.07 -1.74
C SER A 7 21.71 -9.80 -2.90
N ASP A 8 20.43 -9.73 -2.56
CA ASP A 8 19.34 -9.51 -3.54
C ASP A 8 18.26 -8.71 -2.85
N LEU A 9 18.36 -7.40 -2.96
CA LEU A 9 17.47 -6.47 -2.21
C LEU A 9 16.30 -6.07 -3.09
N HIS A 10 15.11 -6.13 -2.54
CA HIS A 10 13.86 -5.75 -3.23
C HIS A 10 13.16 -4.66 -2.43
N ILE A 11 12.60 -3.69 -3.14
CA ILE A 11 11.80 -2.67 -2.45
C ILE A 11 10.48 -3.30 -2.04
N SER A 12 10.23 -3.31 -0.74
CA SER A 12 9.06 -4.01 -0.13
CA SER A 12 9.06 -3.99 -0.13
C SER A 12 7.95 -3.01 0.23
N ASP A 13 8.33 -1.77 0.55
CA ASP A 13 7.30 -0.76 0.88
C ASP A 13 7.95 0.60 0.72
N GLN A 14 7.12 1.62 0.68
CA GLN A 14 7.58 3.02 0.68
C GLN A 14 6.47 3.86 1.32
N THR A 15 6.76 5.12 1.56
CA THR A 15 5.76 6.04 2.14
C THR A 15 4.46 5.98 1.34
N ASP A 16 3.33 5.84 2.03
CA ASP A 16 1.99 5.84 1.45
C ASP A 16 1.47 7.28 1.48
N THR A 17 1.36 7.90 0.33
CA THR A 17 0.92 9.32 0.27
C THR A 17 -0.50 9.41 -0.26
N LYS A 18 -1.32 8.38 -0.15
CA LYS A 18 -2.75 8.47 -0.52
C LYS A 18 -3.36 9.68 0.18
N GLY A 19 -4.24 10.38 -0.52
CA GLY A 19 -4.87 11.60 -0.01
C GLY A 19 -3.91 12.76 -0.04
N THR A 20 -4.03 13.67 0.93
CA THR A 20 -3.21 14.90 0.98
C THR A 20 -2.18 14.79 2.11
N VAL A 21 -0.92 14.52 1.75
CA VAL A 21 0.23 14.53 2.67
C VAL A 21 0.97 15.83 2.43
N CYS A 22 0.88 16.74 3.38
CA CYS A 22 1.44 18.09 3.25
C CYS A 22 2.96 18.04 3.35
N SER A 23 3.64 18.71 2.42
CA SER A 23 5.07 18.99 2.58
C SER A 23 5.27 19.88 3.79
N PRO A 24 6.39 19.78 4.52
CA PRO A 24 7.39 18.73 4.39
C PRO A 24 7.07 17.51 5.25
N PHE A 25 7.27 16.34 4.67
CA PHE A 25 7.13 15.04 5.36
C PHE A 25 8.18 14.15 4.71
N ALA A 26 8.99 13.51 5.54
CA ALA A 26 10.09 12.68 5.07
C ALA A 26 9.56 11.47 4.32
N LEU A 27 10.34 11.01 3.35
CA LEU A 27 10.02 9.82 2.55
C LEU A 27 10.99 8.70 2.85
N PHE A 28 10.54 7.47 2.67
CA PHE A 28 11.37 6.28 2.92
C PHE A 28 10.97 5.16 1.98
N ALA A 29 11.88 4.18 1.91
CA ALA A 29 11.60 2.86 1.36
C ALA A 29 12.21 1.81 2.28
N VAL A 30 11.53 0.69 2.37
CA VAL A 30 12.05 -0.49 3.10
C VAL A 30 12.38 -1.58 2.08
N LEU A 31 13.54 -2.21 2.24
CA LEU A 31 14.01 -3.25 1.32
C LEU A 31 14.25 -4.54 2.09
N GLU A 32 13.83 -5.66 1.53
CA GLU A 32 14.16 -6.98 2.04
C GLU A 32 15.28 -7.57 1.20
N ASN A 33 16.25 -8.16 1.86
CA ASN A 33 17.32 -8.96 1.22
C ASN A 33 16.90 -10.41 1.24
N THR A 34 16.59 -10.98 0.08
CA THR A 34 16.23 -12.41 -0.01
C THR A 34 17.43 -13.24 -0.45
N GLY A 35 18.59 -12.62 -0.67
CA GLY A 35 19.83 -13.33 -1.06
C GLY A 35 20.68 -13.62 0.16
N GLU A 36 21.97 -13.76 -0.06
CA GLU A 36 22.97 -13.96 1.00
C GLU A 36 23.14 -12.64 1.75
N LYS A 37 23.67 -12.72 2.96
CA LYS A 37 23.85 -11.55 3.85
C LYS A 37 24.54 -10.41 3.10
N LEU A 38 24.01 -9.22 3.28
CA LEU A 38 24.60 -7.99 2.72
C LEU A 38 25.86 -7.65 3.49
N LYS A 39 27.00 -7.72 2.83
CA LYS A 39 28.28 -7.31 3.47
CA LYS A 39 28.31 -7.35 3.42
C LYS A 39 28.83 -6.12 2.67
N LYS A 40 29.56 -6.35 1.59
CA LYS A 40 30.35 -5.27 0.96
C LYS A 40 29.70 -4.75 -0.32
N SER A 41 28.74 -5.47 -0.90
CA SER A 41 28.09 -4.97 -2.13
C SER A 41 27.43 -3.62 -1.85
N LYS A 42 27.62 -2.65 -2.75
CA LYS A 42 27.03 -1.30 -2.62
C LYS A 42 25.77 -1.22 -3.47
N TRP A 43 24.64 -1.03 -2.82
CA TRP A 43 23.30 -0.84 -3.44
C TRP A 43 23.03 0.66 -3.41
N LYS A 44 23.40 1.36 -4.48
CA LYS A 44 23.20 2.82 -4.54
CA LYS A 44 23.20 2.82 -4.56
C LYS A 44 21.71 3.11 -4.64
N TRP A 45 21.29 4.19 -4.00
CA TRP A 45 19.92 4.70 -4.15
C TRP A 45 19.97 6.20 -4.46
N GLU A 46 18.94 6.61 -5.16
CA GLU A 46 18.67 8.03 -5.47
C GLU A 46 17.21 8.32 -5.18
N LEU A 47 16.93 9.46 -4.55
CA LEU A 47 15.54 9.98 -4.47
C LEU A 47 15.41 10.99 -5.59
N HIS A 48 14.54 10.69 -6.53
CA HIS A 48 14.26 11.57 -7.67
C HIS A 48 13.02 12.42 -7.40
N LYS A 49 13.13 13.70 -7.71
CA LYS A 49 11.95 14.56 -7.96
C LYS A 49 11.57 14.35 -9.43
N LEU A 50 10.40 13.76 -9.63
CA LEU A 50 9.92 13.32 -10.95
C LEU A 50 9.17 14.45 -11.62
N GLU A 51 9.16 14.46 -12.94
CA GLU A 51 8.24 15.33 -13.69
C GLU A 51 6.81 14.86 -13.42
N ASN A 52 6.55 13.58 -13.59
CA ASN A 52 5.23 12.98 -13.29
C ASN A 52 5.41 11.53 -12.85
N ALA A 53 4.32 10.89 -12.45
CA ALA A 53 4.31 9.51 -11.93
C ALA A 53 3.89 8.54 -13.04
N ARG A 54 3.94 8.94 -14.31
CA ARG A 54 3.63 7.98 -15.38
C ARG A 54 4.67 6.86 -15.41
N LYS A 55 4.19 5.62 -15.45
CA LYS A 55 5.07 4.44 -15.49
C LYS A 55 5.34 4.02 -16.91
N PRO A 56 6.50 3.40 -17.18
CA PRO A 56 7.55 3.20 -16.18
C PRO A 56 8.20 4.54 -15.82
N LEU A 57 8.59 4.70 -14.57
CA LEU A 57 9.10 6.00 -14.11
C LEU A 57 10.34 6.43 -14.90
N LYS A 58 10.41 7.72 -15.13
CA LYS A 58 11.53 8.37 -15.83
C LYS A 58 12.43 9.06 -14.84
N ASP A 59 13.73 8.96 -15.04
CA ASP A 59 14.75 9.71 -14.28
C ASP A 59 14.37 11.17 -14.22
N GLY A 60 14.52 11.75 -13.06
CA GLY A 60 14.25 13.16 -12.80
C GLY A 60 15.46 13.80 -12.19
N ASN A 61 15.20 14.67 -11.23
CA ASN A 61 16.25 15.43 -10.54
C ASN A 61 16.60 14.70 -9.24
N VAL A 62 17.83 14.25 -9.09
CA VAL A 62 18.28 13.54 -7.86
C VAL A 62 18.47 14.58 -6.78
N ILE A 63 17.67 14.46 -5.75
CA ILE A 63 17.74 15.46 -4.65
C ILE A 63 18.40 14.90 -3.39
N GLU A 64 18.43 13.58 -3.23
CA GLU A 64 19.18 12.91 -2.15
C GLU A 64 19.67 11.59 -2.71
N LYS A 65 20.78 11.12 -2.15
CA LYS A 65 21.33 9.83 -2.58
C LYS A 65 22.11 9.18 -1.44
N GLY A 66 22.39 7.91 -1.60
CA GLY A 66 23.19 7.19 -0.63
C GLY A 66 23.37 5.76 -1.07
N PHE A 67 23.66 4.91 -0.10
CA PHE A 67 23.80 3.45 -0.30
CA PHE A 67 23.69 3.46 -0.38
C PHE A 67 22.95 2.77 0.75
N VAL A 68 22.40 1.62 0.45
CA VAL A 68 21.58 0.90 1.44
C VAL A 68 22.47 0.39 2.58
N SER A 69 22.20 0.81 3.80
CA SER A 69 23.07 0.46 4.95
C SER A 69 22.31 0.35 6.27
N ASN A 70 21.21 1.06 6.43
CA ASN A 70 20.52 1.12 7.73
C ASN A 70 19.73 -0.19 7.91
N GLN A 71 20.23 -1.07 8.73
CA GLN A 71 19.61 -2.38 8.94
C GLN A 71 18.54 -2.23 10.03
N ILE A 72 17.34 -2.69 9.75
CA ILE A 72 16.20 -2.65 10.70
C ILE A 72 15.67 -4.03 11.03
N GLY A 73 16.23 -5.07 10.46
CA GLY A 73 15.87 -6.45 10.80
C GLY A 73 16.96 -7.36 10.32
N ASP A 74 16.77 -8.65 10.47
CA ASP A 74 17.84 -9.59 10.11
C ASP A 74 18.18 -9.43 8.62
N SER A 75 17.17 -9.23 7.80
CA SER A 75 17.34 -9.12 6.33
CA SER A 75 17.29 -9.16 6.32
C SER A 75 16.57 -7.91 5.80
N LEU A 76 16.46 -6.87 6.59
CA LEU A 76 15.60 -5.73 6.25
CA LEU A 76 15.58 -5.72 6.28
C LEU A 76 16.38 -4.43 6.43
N TYR A 77 16.21 -3.53 5.46
CA TYR A 77 16.92 -2.25 5.42
C TYR A 77 15.95 -1.12 5.12
N LYS A 78 16.35 0.09 5.49
CA LYS A 78 15.53 1.28 5.24
C LYS A 78 16.42 2.35 4.64
N ILE A 79 15.87 3.07 3.67
CA ILE A 79 16.47 4.29 3.09
C ILE A 79 15.46 5.41 3.32
N GLU A 80 15.98 6.59 3.61
CA GLU A 80 15.04 7.68 3.96
C GLU A 80 15.71 9.03 3.73
N THR A 81 14.87 10.06 3.69
CA THR A 81 15.34 11.43 3.48
C THR A 81 15.82 12.06 4.79
N LYS A 82 16.80 12.94 4.67
CA LYS A 82 17.35 13.75 5.79
C LYS A 82 17.15 15.24 5.46
N LYS A 83 16.94 15.60 4.21
CA LYS A 83 16.77 17.00 3.79
C LYS A 83 15.29 17.33 3.92
N LYS A 84 14.99 18.62 4.10
CA LYS A 84 13.57 19.01 4.13
C LYS A 84 12.96 18.79 2.76
N MET A 85 11.82 18.12 2.77
CA MET A 85 11.08 17.83 1.54
C MET A 85 10.29 19.08 1.14
N LYS A 86 10.02 19.19 -0.14
CA LYS A 86 9.18 20.25 -0.74
C LYS A 86 8.04 19.60 -1.50
N PRO A 87 6.98 20.33 -1.85
CA PRO A 87 5.91 19.73 -2.66
C PRO A 87 6.42 19.15 -3.96
N GLY A 88 5.83 18.04 -4.38
CA GLY A 88 6.17 17.42 -5.66
C GLY A 88 5.95 15.93 -5.64
N ILE A 89 6.44 15.28 -6.68
CA ILE A 89 6.23 13.84 -6.92
C ILE A 89 7.62 13.23 -6.92
N TYR A 90 7.77 12.15 -6.19
CA TYR A 90 9.09 11.58 -5.91
C TYR A 90 9.08 10.06 -6.00
N ALA A 91 10.24 9.47 -6.25
CA ALA A 91 10.40 8.01 -6.12
C ALA A 91 11.86 7.72 -5.87
N PHE A 92 12.08 6.60 -5.16
CA PHE A 92 13.45 6.07 -4.94
C PHE A 92 13.80 5.16 -6.12
N LYS A 93 15.04 5.27 -6.56
CA LYS A 93 15.62 4.37 -7.59
C LYS A 93 16.80 3.67 -6.95
N VAL A 94 16.78 2.34 -6.94
CA VAL A 94 17.82 1.53 -6.29
C VAL A 94 18.53 0.71 -7.35
N TYR A 95 19.83 0.81 -7.37
CA TYR A 95 20.68 0.17 -8.40
C TYR A 95 21.26 -1.16 -7.92
N LYS A 96 21.29 -2.10 -8.86
CA LYS A 96 21.99 -3.38 -8.64
CA LYS A 96 21.99 -3.39 -8.66
C LYS A 96 23.46 -3.10 -8.43
N PRO A 97 24.13 -3.87 -7.55
CA PRO A 97 25.54 -3.68 -7.28
C PRO A 97 26.41 -4.27 -8.39
N ALA A 98 27.69 -3.92 -8.36
CA ALA A 98 28.68 -4.52 -9.28
C ALA A 98 28.60 -6.04 -9.17
N GLY A 99 28.61 -6.70 -10.32
CA GLY A 99 28.66 -8.16 -10.36
C GLY A 99 27.30 -8.81 -10.25
N TYR A 100 26.22 -8.06 -10.13
CA TYR A 100 24.87 -8.63 -10.05
C TYR A 100 24.54 -9.32 -11.37
N PRO A 101 23.72 -10.38 -11.33
CA PRO A 101 23.44 -11.10 -12.57
C PRO A 101 22.74 -10.26 -13.65
N ALA A 102 22.93 -10.69 -14.88
CA ALA A 102 22.48 -9.96 -16.08
C ALA A 102 21.07 -10.32 -16.52
N ASN A 103 20.23 -10.83 -15.65
CA ASN A 103 18.79 -11.01 -15.90
C ASN A 103 18.04 -9.81 -15.32
N GLY A 104 17.17 -9.22 -16.14
CA GLY A 104 16.29 -8.12 -15.71
C GLY A 104 17.04 -6.80 -15.64
N SER A 105 16.42 -5.85 -14.97
CA SER A 105 16.84 -4.45 -14.94
C SER A 105 18.06 -4.25 -14.05
N THR A 106 18.82 -3.20 -14.35
CA THR A 106 19.93 -2.74 -13.50
C THR A 106 19.43 -1.87 -12.33
N PHE A 107 18.15 -1.65 -12.22
CA PHE A 107 17.60 -0.81 -11.12
C PHE A 107 16.21 -1.31 -10.78
N GLU A 108 15.67 -0.73 -9.71
CA GLU A 108 14.26 -0.92 -9.30
C GLU A 108 13.78 0.45 -8.79
N TRP A 109 12.60 0.86 -9.22
CA TRP A 109 11.94 2.04 -8.65
C TRP A 109 10.97 1.64 -7.56
N SER A 110 10.84 2.52 -6.57
CA SER A 110 9.70 2.48 -5.65
C SER A 110 8.43 2.91 -6.36
N GLU A 111 7.28 2.78 -5.68
CA GLU A 111 6.09 3.48 -6.14
C GLU A 111 6.29 4.97 -5.95
N PRO A 112 5.63 5.80 -6.78
CA PRO A 112 5.70 7.25 -6.59
C PRO A 112 5.00 7.72 -5.32
N MET A 113 5.52 8.81 -4.80
CA MET A 113 5.04 9.44 -3.57
C MET A 113 4.79 10.91 -3.88
N ARG A 114 3.68 11.46 -3.40
CA ARG A 114 3.27 12.85 -3.67
C ARG A 114 3.19 13.62 -2.36
N LEU A 115 3.83 14.79 -2.35
CA LEU A 115 3.70 15.73 -1.22
C LEU A 115 2.99 16.97 -1.77
N ALA A 116 1.92 17.36 -1.08
CA ALA A 116 1.05 18.51 -1.42
C ALA A 116 1.66 19.81 -0.94
N LYS A 117 1.32 20.88 -1.66
CA LYS A 117 1.56 22.25 -1.18
C LYS A 117 0.35 22.63 -0.33
N CYS A 118 0.53 22.81 0.97
CA CYS A 118 -0.60 23.13 1.89
C CYS A 118 -0.48 24.55 2.48
N ASP A 119 0.51 25.32 2.06
CA ASP A 119 0.67 26.76 2.42
C ASP A 119 -0.40 27.58 1.69
N ASP B 1 -9.10 21.57 -9.96
CA ASP B 1 -9.27 22.88 -10.63
C ASP B 1 -10.75 23.16 -10.82
N LYS B 2 -11.06 24.29 -11.43
CA LYS B 2 -12.45 24.79 -11.50
CA LYS B 2 -12.46 24.78 -11.49
C LYS B 2 -13.35 23.88 -12.36
N ARG B 3 -12.78 22.99 -13.17
CA ARG B 3 -13.64 22.07 -13.96
C ARG B 3 -14.42 21.12 -13.06
N TRP B 4 -13.84 20.76 -11.92
CA TRP B 4 -14.45 19.71 -11.08
C TRP B 4 -15.72 20.26 -10.42
N ASP B 5 -16.85 19.61 -10.64
CA ASP B 5 -18.17 20.06 -10.13
C ASP B 5 -18.37 19.60 -8.68
N GLN B 6 -17.35 19.01 -8.03
CA GLN B 6 -17.36 18.55 -6.61
C GLN B 6 -18.21 17.30 -6.44
N SER B 7 -18.65 16.66 -7.51
CA SER B 7 -19.21 15.28 -7.45
C SER B 7 -18.11 14.35 -6.97
N ASP B 8 -18.49 13.28 -6.31
CA ASP B 8 -17.49 12.33 -5.77
C ASP B 8 -18.11 10.93 -5.74
N LEU B 9 -17.88 10.20 -6.83
CA LEU B 9 -18.54 8.89 -7.00
C LEU B 9 -17.63 7.75 -6.57
N HIS B 10 -18.20 6.81 -5.83
CA HIS B 10 -17.47 5.63 -5.38
C HIS B 10 -18.31 4.39 -5.63
N ILE B 11 -17.65 3.29 -6.00
CA ILE B 11 -18.36 2.00 -6.18
C ILE B 11 -18.92 1.56 -4.83
N SER B 12 -20.22 1.33 -4.80
CA SER B 12 -20.97 0.97 -3.57
C SER B 12 -21.57 -0.43 -3.63
N ASP B 13 -21.67 -1.00 -4.81
CA ASP B 13 -22.16 -2.37 -5.01
C ASP B 13 -21.66 -2.83 -6.39
N GLN B 14 -21.62 -4.14 -6.58
CA GLN B 14 -21.29 -4.71 -7.89
C GLN B 14 -21.68 -6.17 -7.91
N THR B 15 -21.67 -6.73 -9.10
CA THR B 15 -21.79 -8.17 -9.27
C THR B 15 -20.70 -8.84 -8.42
N ASP B 16 -21.07 -9.88 -7.68
CA ASP B 16 -20.13 -10.69 -6.89
C ASP B 16 -20.24 -12.12 -7.41
N THR B 17 -19.24 -12.57 -8.14
CA THR B 17 -19.24 -13.98 -8.66
C THR B 17 -18.74 -14.97 -7.59
N LYS B 18 -18.29 -14.46 -6.43
CA LYS B 18 -17.90 -15.31 -5.28
C LYS B 18 -16.97 -16.42 -5.77
N GLY B 19 -16.02 -16.11 -6.65
CA GLY B 19 -15.31 -17.11 -7.43
C GLY B 19 -15.76 -16.98 -8.86
N THR B 20 -16.27 -18.05 -9.44
CA THR B 20 -16.57 -18.13 -10.89
C THR B 20 -17.97 -18.64 -11.09
N VAL B 21 -18.64 -18.05 -12.09
CA VAL B 21 -19.96 -18.53 -12.57
C VAL B 21 -19.89 -18.73 -14.08
N CYS B 22 -20.90 -19.32 -14.66
CA CYS B 22 -20.90 -19.51 -16.13
C CYS B 22 -21.09 -18.21 -16.89
N SER B 23 -20.39 -18.08 -18.01
CA SER B 23 -20.79 -17.10 -19.04
CA SER B 23 -20.75 -17.12 -19.07
C SER B 23 -21.94 -17.68 -19.83
N PRO B 24 -22.80 -16.83 -20.41
CA PRO B 24 -22.81 -15.37 -20.23
C PRO B 24 -23.49 -14.99 -18.92
N PHE B 25 -23.12 -13.85 -18.37
CA PHE B 25 -23.69 -13.28 -17.15
C PHE B 25 -23.41 -11.80 -17.17
N ALA B 26 -24.47 -11.00 -17.07
CA ALA B 26 -24.33 -9.54 -17.08
C ALA B 26 -23.63 -9.07 -15.82
N LEU B 27 -22.81 -8.03 -15.98
CA LEU B 27 -22.04 -7.43 -14.89
C LEU B 27 -22.50 -6.02 -14.65
N PHE B 28 -22.51 -5.61 -13.39
CA PHE B 28 -22.88 -4.25 -13.03
C PHE B 28 -22.01 -3.75 -11.89
N ALA B 29 -21.99 -2.42 -11.79
CA ALA B 29 -21.53 -1.72 -10.58
C ALA B 29 -22.48 -0.58 -10.29
N VAL B 30 -22.69 -0.28 -9.01
CA VAL B 30 -23.44 0.92 -8.62
C VAL B 30 -22.43 1.87 -7.99
N LEU B 31 -22.61 3.14 -8.30
CA LEU B 31 -21.82 4.23 -7.73
C LEU B 31 -22.69 5.19 -6.97
N GLU B 32 -22.19 5.56 -5.81
CA GLU B 32 -22.83 6.55 -4.95
C GLU B 32 -22.07 7.86 -5.10
N ASN B 33 -22.83 8.94 -5.25
CA ASN B 33 -22.27 10.31 -5.26
C ASN B 33 -22.37 10.86 -3.85
N THR B 34 -21.25 10.89 -3.14
CA THR B 34 -21.18 11.45 -1.77
C THR B 34 -20.72 12.91 -1.79
N GLY B 35 -20.60 13.51 -2.96
CA GLY B 35 -20.25 14.93 -3.10
C GLY B 35 -21.45 15.71 -3.56
N GLU B 36 -21.17 16.78 -4.28
CA GLU B 36 -22.20 17.68 -4.84
C GLU B 36 -22.86 17.04 -6.06
N LYS B 37 -24.06 17.48 -6.35
CA LYS B 37 -24.85 17.01 -7.51
C LYS B 37 -24.01 17.02 -8.77
N LEU B 38 -24.07 15.96 -9.54
CA LEU B 38 -23.33 15.89 -10.82
C LEU B 38 -23.82 17.02 -11.74
N LYS B 39 -22.88 17.78 -12.30
CA LYS B 39 -23.17 18.80 -13.32
C LYS B 39 -22.49 18.34 -14.58
N LYS B 40 -21.36 18.94 -14.97
CA LYS B 40 -20.74 18.64 -16.26
C LYS B 40 -19.49 17.78 -16.09
N SER B 41 -19.09 17.41 -14.87
CA SER B 41 -17.92 16.53 -14.73
C SER B 41 -18.26 15.15 -15.31
N LYS B 42 -17.28 14.51 -15.92
CA LYS B 42 -17.46 13.21 -16.56
C LYS B 42 -16.72 12.12 -15.82
N TRP B 43 -17.45 11.06 -15.51
CA TRP B 43 -16.92 9.87 -14.82
C TRP B 43 -16.88 8.71 -15.84
N LYS B 44 -15.77 8.63 -16.57
CA LYS B 44 -15.60 7.58 -17.58
C LYS B 44 -15.54 6.23 -16.88
N TRP B 45 -16.15 5.22 -17.48
CA TRP B 45 -15.96 3.83 -17.02
C TRP B 45 -15.58 2.96 -18.19
N GLU B 46 -14.84 1.90 -17.87
CA GLU B 46 -14.44 0.84 -18.80
C GLU B 46 -14.60 -0.50 -18.10
N LEU B 47 -15.09 -1.49 -18.83
CA LEU B 47 -15.03 -2.88 -18.36
C LEU B 47 -13.84 -3.51 -19.05
N HIS B 48 -12.83 -3.91 -18.26
CA HIS B 48 -11.62 -4.53 -18.77
C HIS B 48 -11.72 -6.05 -18.63
N LYS B 49 -11.31 -6.74 -19.68
CA LYS B 49 -10.94 -8.19 -19.61
C LYS B 49 -9.47 -8.24 -19.20
N LEU B 50 -9.19 -8.93 -18.09
CA LEU B 50 -7.88 -8.88 -17.45
C LEU B 50 -7.14 -10.18 -17.73
N GLU B 51 -5.82 -10.14 -17.67
CA GLU B 51 -5.01 -11.38 -17.74
C GLU B 51 -5.10 -12.13 -16.40
N ASN B 52 -5.05 -11.41 -15.28
CA ASN B 52 -5.14 -12.03 -13.94
C ASN B 52 -5.78 -11.03 -12.98
N ALA B 53 -6.21 -11.52 -11.83
CA ALA B 53 -6.98 -10.77 -10.81
C ALA B 53 -6.08 -10.28 -9.66
N ARG B 54 -4.75 -10.32 -9.82
CA ARG B 54 -3.77 -9.86 -8.81
C ARG B 54 -3.77 -8.34 -8.75
N LYS B 55 -3.88 -7.80 -7.55
CA LYS B 55 -3.87 -6.35 -7.30
C LYS B 55 -2.41 -5.88 -7.19
N PRO B 56 -2.10 -4.65 -7.62
CA PRO B 56 -3.06 -3.77 -8.29
C PRO B 56 -3.42 -4.22 -9.72
N LEU B 57 -4.70 -4.10 -10.08
CA LEU B 57 -5.17 -4.59 -11.40
C LEU B 57 -4.46 -3.79 -12.50
N LYS B 58 -4.21 -4.48 -13.60
CA LYS B 58 -3.49 -3.95 -14.77
C LYS B 58 -4.50 -3.72 -15.90
N ASP B 59 -4.42 -2.57 -16.56
CA ASP B 59 -5.25 -2.30 -17.76
C ASP B 59 -5.17 -3.49 -18.73
N GLY B 60 -6.32 -3.91 -19.23
CA GLY B 60 -6.42 -5.03 -20.17
C GLY B 60 -7.13 -4.60 -21.44
N ASN B 61 -8.00 -5.47 -21.91
CA ASN B 61 -8.78 -5.20 -23.14
CA ASN B 61 -8.79 -5.21 -23.14
C ASN B 61 -10.13 -4.58 -22.76
N VAL B 62 -10.41 -3.41 -23.27
CA VAL B 62 -11.68 -2.71 -22.95
C VAL B 62 -12.77 -3.36 -23.79
N ILE B 63 -13.74 -3.95 -23.15
CA ILE B 63 -14.84 -4.67 -23.82
C ILE B 63 -16.03 -3.77 -23.98
N GLU B 64 -16.32 -2.97 -22.97
CA GLU B 64 -17.46 -2.04 -22.99
C GLU B 64 -17.00 -0.83 -22.22
N LYS B 65 -17.61 0.34 -22.53
CA LYS B 65 -17.22 1.58 -21.86
C LYS B 65 -18.34 2.59 -21.97
N GLY B 66 -18.26 3.62 -21.13
CA GLY B 66 -19.23 4.70 -21.15
C GLY B 66 -18.89 5.74 -20.12
N PHE B 67 -19.94 6.38 -19.63
CA PHE B 67 -19.83 7.37 -18.55
C PHE B 67 -20.88 7.05 -17.53
N VAL B 68 -20.57 7.32 -16.27
CA VAL B 68 -21.56 7.07 -15.21
C VAL B 68 -22.66 8.11 -15.40
N SER B 69 -23.86 7.64 -15.66
CA SER B 69 -24.94 8.51 -16.17
C SER B 69 -26.33 7.99 -15.88
N ASN B 70 -26.54 6.70 -15.74
CA ASN B 70 -27.87 6.12 -15.47
C ASN B 70 -28.15 6.30 -13.99
N GLN B 71 -28.89 7.32 -13.66
CA GLN B 71 -29.26 7.63 -12.27
C GLN B 71 -30.46 6.77 -11.89
N ILE B 72 -30.22 5.81 -11.05
CA ILE B 72 -31.28 4.87 -10.60
C ILE B 72 -31.95 5.42 -9.34
N GLY B 73 -31.31 6.32 -8.62
CA GLY B 73 -31.92 7.07 -7.51
C GLY B 73 -31.17 8.36 -7.31
N ASP B 74 -31.65 9.18 -6.39
CA ASP B 74 -31.19 10.58 -6.22
C ASP B 74 -29.67 10.74 -6.40
N SER B 75 -28.84 9.97 -5.69
CA SER B 75 -27.36 10.09 -5.78
CA SER B 75 -27.36 10.08 -5.79
C SER B 75 -26.75 8.71 -6.10
N LEU B 76 -27.49 7.90 -6.84
CA LEU B 76 -27.08 6.52 -7.14
C LEU B 76 -27.14 6.31 -8.63
N TYR B 77 -26.09 5.70 -9.14
CA TYR B 77 -25.91 5.45 -10.57
C TYR B 77 -25.55 4.00 -10.77
N LYS B 78 -25.94 3.47 -11.93
CA LYS B 78 -25.59 2.09 -12.30
C LYS B 78 -24.86 2.07 -13.64
N ILE B 79 -23.78 1.29 -13.70
CA ILE B 79 -23.10 0.97 -14.95
C ILE B 79 -23.26 -0.53 -15.14
N GLU B 80 -23.45 -0.95 -16.38
CA GLU B 80 -23.69 -2.39 -16.63
C GLU B 80 -23.34 -2.76 -18.05
N THR B 81 -23.12 -4.03 -18.26
CA THR B 81 -22.85 -4.56 -19.59
C THR B 81 -24.16 -4.66 -20.39
N LYS B 82 -24.08 -4.38 -21.68
CA LYS B 82 -25.21 -4.60 -22.62
C LYS B 82 -24.92 -5.73 -23.58
N LYS B 83 -23.66 -6.09 -23.76
CA LYS B 83 -23.27 -7.14 -24.72
C LYS B 83 -23.19 -8.46 -24.00
N LYS B 84 -23.32 -9.53 -24.77
CA LYS B 84 -23.18 -10.88 -24.23
C LYS B 84 -21.75 -11.01 -23.72
N MET B 85 -21.61 -11.41 -22.48
CA MET B 85 -20.27 -11.60 -21.87
C MET B 85 -19.73 -12.99 -22.16
N LYS B 86 -18.48 -13.01 -22.56
CA LYS B 86 -17.73 -14.23 -22.82
C LYS B 86 -16.95 -14.64 -21.58
N PRO B 87 -16.41 -15.86 -21.53
CA PRO B 87 -15.57 -16.25 -20.40
C PRO B 87 -14.38 -15.31 -20.20
N GLY B 88 -13.97 -15.13 -18.97
CA GLY B 88 -12.80 -14.30 -18.65
C GLY B 88 -12.87 -13.75 -17.24
N ILE B 89 -11.86 -12.97 -16.94
CA ILE B 89 -11.72 -12.23 -15.67
C ILE B 89 -11.97 -10.78 -16.02
N TYR B 90 -12.83 -10.11 -15.28
CA TYR B 90 -13.29 -8.76 -15.64
C TYR B 90 -13.27 -7.85 -14.42
N ALA B 91 -13.06 -6.54 -14.69
CA ALA B 91 -13.29 -5.55 -13.62
C ALA B 91 -13.69 -4.24 -14.28
N PHE B 92 -14.53 -3.48 -13.60
CA PHE B 92 -14.84 -2.10 -14.01
C PHE B 92 -13.74 -1.20 -13.48
N LYS B 93 -13.42 -0.19 -14.28
CA LYS B 93 -12.47 0.87 -13.96
C LYS B 93 -13.22 2.19 -14.14
N VAL B 94 -13.29 3.00 -13.11
CA VAL B 94 -14.01 4.30 -13.13
C VAL B 94 -13.00 5.40 -12.88
N TYR B 95 -12.94 6.33 -13.84
CA TYR B 95 -11.91 7.39 -13.78
C TYR B 95 -12.45 8.64 -13.08
N LYS B 96 -11.55 9.30 -12.37
CA LYS B 96 -11.84 10.61 -11.77
C LYS B 96 -11.98 11.63 -12.89
N PRO B 97 -12.89 12.63 -12.70
CA PRO B 97 -13.14 13.62 -13.72
C PRO B 97 -11.97 14.59 -13.90
N ALA B 98 -12.08 15.37 -14.96
CA ALA B 98 -11.13 16.47 -15.21
C ALA B 98 -11.11 17.45 -14.03
N GLY B 99 -9.92 17.77 -13.59
CA GLY B 99 -9.71 18.71 -12.48
C GLY B 99 -9.98 18.13 -11.11
N TYR B 100 -10.29 16.85 -10.99
CA TYR B 100 -10.41 16.24 -9.65
C TYR B 100 -9.08 16.37 -8.93
N PRO B 101 -9.08 16.67 -7.63
CA PRO B 101 -7.81 16.90 -6.96
C PRO B 101 -6.88 15.69 -6.98
N ALA B 102 -5.58 15.89 -7.21
CA ALA B 102 -4.60 14.78 -7.14
C ALA B 102 -4.65 14.27 -5.69
N ASN B 103 -4.91 12.96 -5.52
CA ASN B 103 -5.02 12.23 -4.24
C ASN B 103 -4.35 10.86 -4.41
N GLY B 104 -3.64 10.64 -5.51
CA GLY B 104 -2.77 9.44 -5.62
C GLY B 104 -3.16 8.52 -6.76
N SER B 105 -4.43 8.38 -7.10
CA SER B 105 -4.87 7.56 -8.25
C SER B 105 -5.98 8.29 -8.98
N THR B 106 -5.98 8.21 -10.29
CA THR B 106 -7.04 8.88 -11.03
C THR B 106 -8.13 7.91 -11.45
N PHE B 107 -8.29 6.79 -10.75
CA PHE B 107 -9.36 5.83 -11.06
C PHE B 107 -9.52 4.90 -9.87
N GLU B 108 -10.64 4.19 -9.89
CA GLU B 108 -11.05 3.15 -8.93
C GLU B 108 -11.37 1.92 -9.74
N TRP B 109 -10.86 0.76 -9.31
CA TRP B 109 -11.26 -0.52 -9.88
C TRP B 109 -12.32 -1.17 -8.99
N SER B 110 -13.27 -1.84 -9.61
CA SER B 110 -14.13 -2.81 -8.92
C SER B 110 -13.30 -4.04 -8.48
N GLU B 111 -13.90 -4.86 -7.64
CA GLU B 111 -13.37 -6.22 -7.47
C GLU B 111 -13.52 -6.98 -8.77
N PRO B 112 -12.60 -7.94 -9.06
CA PRO B 112 -12.76 -8.81 -10.21
C PRO B 112 -14.02 -9.66 -10.13
N MET B 113 -14.48 -10.05 -11.32
CA MET B 113 -15.65 -10.92 -11.55
C MET B 113 -15.18 -11.97 -12.56
N ARG B 114 -15.49 -13.24 -12.33
CA ARG B 114 -14.95 -14.31 -13.18
C ARG B 114 -16.09 -15.12 -13.77
N LEU B 115 -15.96 -15.34 -15.07
CA LEU B 115 -16.93 -16.12 -15.87
C LEU B 115 -16.19 -17.27 -16.56
N ALA B 116 -16.79 -18.45 -16.48
CA ALA B 116 -16.24 -19.67 -17.10
C ALA B 116 -16.93 -19.98 -18.41
N LYS B 117 -16.23 -20.74 -19.21
CA LYS B 117 -16.81 -21.43 -20.37
C LYS B 117 -17.77 -22.48 -19.84
N CYS B 118 -19.01 -22.47 -20.30
CA CYS B 118 -20.04 -23.46 -19.97
C CYS B 118 -20.77 -23.80 -21.27
N ASP B 119 -20.15 -24.66 -22.03
CA ASP B 119 -20.69 -25.10 -23.34
CA ASP B 119 -20.61 -25.12 -23.37
C ASP B 119 -20.72 -26.63 -23.36
N GLU B 120 -21.45 -27.21 -22.45
CA GLU B 120 -21.55 -28.65 -22.36
C GLU B 120 -22.25 -29.27 -23.57
N ASP C 1 4.31 -24.33 23.58
CA ASP C 1 3.69 -25.67 23.46
C ASP C 1 3.41 -25.97 21.99
N LYS C 2 2.81 -27.12 21.69
CA LYS C 2 2.58 -27.64 20.32
C LYS C 2 1.78 -26.69 19.44
N ARG C 3 1.03 -25.79 20.04
CA ARG C 3 0.19 -24.84 19.25
C ARG C 3 1.08 -23.91 18.43
N TRP C 4 2.27 -23.63 18.92
CA TRP C 4 3.13 -22.65 18.24
C TRP C 4 3.69 -23.21 16.95
N ASP C 5 3.50 -22.48 15.86
CA ASP C 5 4.02 -22.87 14.52
C ASP C 5 5.48 -22.41 14.33
N GLN C 6 6.14 -21.89 15.37
CA GLN C 6 7.58 -21.52 15.37
C GLN C 6 7.80 -20.22 14.57
N SER C 7 6.73 -19.51 14.24
CA SER C 7 6.83 -18.13 13.69
C SER C 7 7.34 -17.21 14.80
N ASP C 8 8.01 -16.11 14.44
CA ASP C 8 8.56 -15.17 15.44
C ASP C 8 8.60 -13.77 14.83
N LEU C 9 7.52 -13.04 14.99
CA LEU C 9 7.38 -11.71 14.35
CA LEU C 9 7.34 -11.70 14.37
C LEU C 9 7.92 -10.65 15.31
N HIS C 10 8.60 -9.65 14.74
CA HIS C 10 9.18 -8.51 15.47
C HIS C 10 8.78 -7.23 14.75
N ILE C 11 8.38 -6.23 15.50
CA ILE C 11 8.08 -4.92 14.89
C ILE C 11 9.41 -4.32 14.45
N SER C 12 9.52 -4.03 13.16
CA SER C 12 10.78 -3.52 12.58
C SER C 12 10.70 -2.01 12.26
N ASP C 13 9.53 -1.50 11.91
CA ASP C 13 9.40 -0.08 11.45
C ASP C 13 7.97 0.30 11.80
N GLN C 14 7.72 1.59 11.88
CA GLN C 14 6.35 2.11 11.94
C GLN C 14 6.38 3.56 11.44
N THR C 15 5.21 4.14 11.28
CA THR C 15 5.12 5.55 10.92
C THR C 15 6.07 6.36 11.81
N ASP C 16 6.87 7.21 11.19
CA ASP C 16 7.83 8.06 11.91
C ASP C 16 7.25 9.45 12.05
N THR C 17 6.79 9.80 13.25
CA THR C 17 6.12 11.10 13.45
C THR C 17 7.06 12.15 14.03
N LYS C 18 8.37 12.01 13.81
CA LYS C 18 9.35 13.04 14.23
C LYS C 18 8.89 14.39 13.68
N GLY C 19 9.18 15.44 14.41
CA GLY C 19 8.74 16.79 14.04
C GLY C 19 7.23 16.90 14.15
N THR C 20 6.62 17.65 13.26
CA THR C 20 5.15 17.87 13.30
C THR C 20 4.52 17.14 12.12
N VAL C 21 3.69 16.17 12.42
CA VAL C 21 2.92 15.40 11.41
C VAL C 21 1.44 15.54 11.76
N CYS C 22 0.64 16.14 10.88
CA CYS C 22 -0.74 16.55 11.20
C CYS C 22 -1.73 15.42 10.93
N SER C 23 -2.71 15.27 11.78
CA SER C 23 -3.94 14.52 11.45
CA SER C 23 -3.96 14.52 11.46
C SER C 23 -4.64 15.26 10.31
N PRO C 24 -5.36 14.60 9.39
CA PRO C 24 -5.56 13.16 9.37
C PRO C 24 -4.38 12.42 8.72
N PHE C 25 -4.06 11.26 9.26
CA PHE C 25 -2.87 10.50 8.80
C PHE C 25 -3.11 9.04 9.10
N ALA C 26 -2.95 8.16 8.13
CA ALA C 26 -2.90 6.70 8.38
C ALA C 26 -1.62 6.31 9.09
N LEU C 27 -1.68 5.18 9.82
CA LEU C 27 -0.53 4.62 10.55
C LEU C 27 -0.28 3.17 10.12
N PHE C 28 0.99 2.78 10.16
CA PHE C 28 1.37 1.40 9.80
C PHE C 28 2.52 0.97 10.69
N ALA C 29 2.70 -0.34 10.72
CA ALA C 29 3.94 -0.97 11.19
C ALA C 29 4.30 -2.11 10.22
N VAL C 30 5.59 -2.38 10.12
CA VAL C 30 6.13 -3.54 9.37
CA VAL C 30 6.06 -3.58 9.39
C VAL C 30 6.81 -4.48 10.36
N LEU C 31 6.62 -5.76 10.13
CA LEU C 31 7.14 -6.80 11.04
C LEU C 31 7.95 -7.84 10.27
N GLU C 32 9.11 -8.18 10.79
CA GLU C 32 9.91 -9.25 10.20
C GLU C 32 9.62 -10.56 10.94
N ASN C 33 9.51 -11.65 10.20
CA ASN C 33 9.41 -13.02 10.76
C ASN C 33 10.78 -13.66 10.69
N THR C 34 11.44 -13.83 11.85
CA THR C 34 12.78 -14.49 11.95
C THR C 34 12.63 -15.97 12.30
N GLY C 35 11.39 -16.42 12.37
CA GLY C 35 11.07 -17.82 12.72
C GLY C 35 10.62 -18.59 11.51
N GLU C 36 9.98 -19.73 11.76
CA GLU C 36 9.36 -20.55 10.69
C GLU C 36 8.16 -19.78 10.15
N LYS C 37 7.62 -20.25 9.05
CA LYS C 37 6.53 -19.55 8.31
CA LYS C 37 6.53 -19.55 8.31
C LYS C 37 5.26 -19.52 9.17
N LEU C 38 4.45 -18.48 8.97
CA LEU C 38 3.17 -18.28 9.68
C LEU C 38 2.06 -19.16 9.06
N LYS C 39 1.50 -20.09 9.86
CA LYS C 39 0.62 -21.20 9.40
C LYS C 39 -0.69 -21.32 10.20
N LYS C 40 -0.56 -21.51 11.50
CA LYS C 40 -1.70 -21.73 12.42
C LYS C 40 -1.63 -20.73 13.59
N SER C 41 -0.50 -20.10 13.84
CA SER C 41 -0.37 -19.20 15.01
C SER C 41 -0.87 -17.79 14.63
N LYS C 42 -1.79 -17.27 15.43
CA LYS C 42 -2.39 -15.94 15.20
C LYS C 42 -1.62 -14.90 16.01
N TRP C 43 -1.19 -13.85 15.32
CA TRP C 43 -0.45 -12.73 15.91
C TRP C 43 -1.40 -11.52 15.97
N LYS C 44 -1.98 -11.33 17.15
CA LYS C 44 -2.93 -10.23 17.37
C LYS C 44 -2.19 -8.91 17.37
N TRP C 45 -2.79 -7.93 16.71
CA TRP C 45 -2.34 -6.53 16.84
C TRP C 45 -3.50 -5.62 17.23
N GLU C 46 -3.16 -4.59 17.97
CA GLU C 46 -4.08 -3.53 18.40
C GLU C 46 -3.42 -2.18 18.17
N LEU C 47 -4.16 -1.25 17.59
CA LEU C 47 -3.70 0.14 17.55
C LEU C 47 -4.37 0.88 18.70
N HIS C 48 -3.57 1.29 19.68
CA HIS C 48 -4.03 2.03 20.87
C HIS C 48 -3.89 3.53 20.66
N LYS C 49 -4.90 4.27 21.09
CA LYS C 49 -4.78 5.72 21.36
C LYS C 49 -4.35 5.83 22.82
N LEU C 50 -3.19 6.42 23.04
CA LEU C 50 -2.57 6.59 24.38
C LEU C 50 -2.90 8.00 24.94
N GLU C 51 -2.92 8.18 26.25
CA GLU C 51 -3.15 9.52 26.88
C GLU C 51 -1.82 10.29 26.87
N ASN C 52 -0.72 9.54 26.93
CA ASN C 52 0.65 10.10 26.87
C ASN C 52 1.61 9.06 26.26
N ALA C 53 2.85 9.47 26.03
CA ALA C 53 3.88 8.72 25.28
C ALA C 53 5.05 8.30 26.19
N ARG C 54 4.86 8.31 27.52
CA ARG C 54 5.95 8.03 28.47
C ARG C 54 6.15 6.51 28.45
N LYS C 55 7.37 6.07 28.14
CA LYS C 55 7.77 4.63 28.13
C LYS C 55 7.97 4.15 29.56
N PRO C 56 7.69 2.86 29.88
CA PRO C 56 7.15 1.89 28.92
C PRO C 56 5.67 2.23 28.68
N LEU C 57 5.19 2.04 27.46
CA LEU C 57 3.79 2.41 27.08
C LEU C 57 2.80 1.53 27.83
N LYS C 58 1.62 2.09 28.10
CA LYS C 58 0.52 1.43 28.84
C LYS C 58 -0.68 1.35 27.90
N ASP C 59 -1.50 0.35 28.05
CA ASP C 59 -2.74 0.19 27.25
C ASP C 59 -3.57 1.47 27.28
N GLY C 60 -4.20 1.77 26.16
CA GLY C 60 -5.13 2.88 26.02
C GLY C 60 -6.42 2.40 25.43
N ASN C 61 -6.96 3.19 24.51
CA ASN C 61 -8.25 2.90 23.84
C ASN C 61 -7.91 2.22 22.53
N VAL C 62 -8.39 1.01 22.33
CA VAL C 62 -8.14 0.26 21.07
C VAL C 62 -9.03 0.85 19.99
N ILE C 63 -8.40 1.44 18.99
CA ILE C 63 -9.07 2.07 17.82
C ILE C 63 -9.38 1.05 16.73
N GLU C 64 -8.42 0.19 16.44
CA GLU C 64 -8.51 -0.82 15.36
C GLU C 64 -7.71 -1.99 15.91
N LYS C 65 -8.05 -3.18 15.45
CA LYS C 65 -7.30 -4.39 15.80
C LYS C 65 -7.44 -5.41 14.70
N GLY C 66 -6.62 -6.44 14.77
CA GLY C 66 -6.68 -7.52 13.79
C GLY C 66 -5.64 -8.55 14.09
N PHE C 67 -5.26 -9.26 13.05
CA PHE C 67 -4.20 -10.28 13.10
C PHE C 67 -3.25 -10.03 11.96
N VAL C 68 -1.99 -10.28 12.21
CA VAL C 68 -0.96 -10.01 11.19
C VAL C 68 -1.12 -11.02 10.05
N SER C 69 -1.27 -10.53 8.83
CA SER C 69 -1.58 -11.42 7.67
C SER C 69 -1.08 -10.87 6.33
N ASN C 70 -0.92 -9.56 6.19
CA ASN C 70 -0.55 -8.98 4.88
C ASN C 70 0.95 -9.18 4.63
N GLN C 71 1.29 -10.17 3.82
CA GLN C 71 2.71 -10.52 3.56
C GLN C 71 3.23 -9.66 2.41
N ILE C 72 4.31 -8.93 2.64
CA ILE C 72 4.87 -7.95 1.66
C ILE C 72 6.31 -8.34 1.30
N GLY C 73 6.84 -9.40 1.89
CA GLY C 73 8.12 -9.96 1.44
C GLY C 73 8.20 -11.40 1.91
N ASP C 74 9.31 -12.05 1.67
CA ASP C 74 9.49 -13.48 2.04
C ASP C 74 9.18 -13.63 3.54
N SER C 75 9.72 -12.74 4.36
CA SER C 75 9.62 -12.84 5.83
CA SER C 75 9.64 -12.83 5.84
C SER C 75 9.17 -11.50 6.42
N LEU C 76 8.29 -10.80 5.71
CA LEU C 76 7.92 -9.41 6.06
C LEU C 76 6.41 -9.23 5.94
N TYR C 77 5.84 -8.56 6.93
CA TYR C 77 4.39 -8.32 7.00
C TYR C 77 4.17 -6.83 7.29
N LYS C 78 2.96 -6.41 6.97
CA LYS C 78 2.53 -5.01 7.25
C LYS C 78 1.17 -5.05 7.93
N ILE C 79 1.02 -4.15 8.90
CA ILE C 79 -0.30 -3.85 9.51
C ILE C 79 -0.52 -2.35 9.38
N GLU C 80 -1.78 -1.97 9.22
CA GLU C 80 -2.06 -0.54 9.04
C GLU C 80 -3.53 -0.24 9.35
N THR C 81 -3.79 1.01 9.62
CA THR C 81 -5.16 1.49 9.88
C THR C 81 -5.96 1.51 8.58
N LYS C 82 -7.21 1.11 8.68
CA LYS C 82 -8.19 1.22 7.57
C LYS C 82 -8.57 2.68 7.35
N LYS C 83 -8.56 3.48 8.40
CA LYS C 83 -8.91 4.91 8.36
C LYS C 83 -7.68 5.77 8.63
N LYS C 84 -7.76 7.04 8.28
CA LYS C 84 -6.80 8.07 8.76
C LYS C 84 -7.18 8.41 10.22
N MET C 85 -6.16 8.54 11.05
CA MET C 85 -6.36 8.83 12.48
C MET C 85 -6.55 10.33 12.76
N LYS C 86 -7.35 10.59 13.79
CA LYS C 86 -7.58 11.88 14.48
C LYS C 86 -6.32 12.28 15.22
N PRO C 87 -6.20 13.55 15.66
CA PRO C 87 -5.06 13.95 16.48
C PRO C 87 -4.96 13.07 17.73
N GLY C 88 -3.73 12.79 18.12
CA GLY C 88 -3.46 11.98 19.32
C GLY C 88 -2.12 11.32 19.28
N ILE C 89 -1.91 10.49 20.26
CA ILE C 89 -0.71 9.64 20.36
CA ILE C 89 -0.71 9.63 20.47
C ILE C 89 -1.17 8.20 20.27
N TYR C 90 -0.47 7.43 19.45
CA TYR C 90 -0.88 6.07 19.13
C TYR C 90 0.33 5.14 19.19
N ALA C 91 0.04 3.86 19.41
CA ALA C 91 1.09 2.83 19.25
C ALA C 91 0.41 1.51 18.92
N PHE C 92 1.10 0.70 18.13
CA PHE C 92 0.67 -0.70 17.89
C PHE C 92 1.19 -1.60 19.01
N LYS C 93 0.31 -2.49 19.46
CA LYS C 93 0.68 -3.55 20.41
C LYS C 93 0.50 -4.88 19.69
N VAL C 94 1.53 -5.71 19.67
CA VAL C 94 1.48 -7.00 18.97
C VAL C 94 1.74 -8.08 20.01
N TYR C 95 0.87 -9.07 20.06
CA TYR C 95 0.94 -10.14 21.08
C TYR C 95 1.56 -11.39 20.49
N LYS C 96 2.36 -12.08 21.31
CA LYS C 96 2.84 -13.42 20.98
CA LYS C 96 2.85 -13.43 21.01
C LYS C 96 1.65 -14.37 20.95
N PRO C 97 1.65 -15.34 20.03
CA PRO C 97 0.54 -16.28 19.97
C PRO C 97 0.38 -17.16 21.20
N ALA C 98 -0.85 -17.66 21.34
CA ALA C 98 -1.14 -18.81 22.19
C ALA C 98 -0.10 -19.90 21.92
N GLY C 99 0.56 -20.31 22.96
CA GLY C 99 1.53 -21.37 22.89
C GLY C 99 2.93 -20.92 22.63
N TYR C 100 3.15 -19.64 22.34
CA TYR C 100 4.52 -19.13 22.18
C TYR C 100 5.27 -19.39 23.49
N PRO C 101 6.48 -19.99 23.43
CA PRO C 101 7.18 -20.30 24.66
C PRO C 101 7.41 -19.05 25.51
N ALA C 102 7.01 -19.14 26.78
CA ALA C 102 7.14 -18.02 27.75
C ALA C 102 8.61 -17.63 27.85
N ASN C 103 8.91 -16.34 27.68
CA ASN C 103 10.30 -15.82 27.68
C ASN C 103 10.31 -14.43 28.34
N GLY C 104 9.32 -14.18 29.20
CA GLY C 104 9.32 -13.01 30.09
C GLY C 104 8.44 -11.89 29.57
N SER C 105 8.00 -11.98 28.33
CA SER C 105 7.13 -10.93 27.73
CA SER C 105 7.16 -10.92 27.69
C SER C 105 6.17 -11.56 26.71
N THR C 106 4.91 -11.12 26.71
CA THR C 106 3.90 -11.70 25.79
C THR C 106 3.45 -10.69 24.75
N PHE C 107 3.99 -9.48 24.74
CA PHE C 107 3.65 -8.48 23.71
C PHE C 107 4.83 -7.52 23.54
N GLU C 108 4.75 -6.76 22.46
CA GLU C 108 5.72 -5.71 22.08
C GLU C 108 4.89 -4.50 21.66
N TRP C 109 5.39 -3.31 21.95
CA TRP C 109 4.85 -2.04 21.46
C TRP C 109 5.70 -1.51 20.32
N SER C 110 5.05 -0.88 19.33
CA SER C 110 5.78 0.00 18.41
C SER C 110 6.32 1.22 19.16
N GLU C 111 7.10 2.03 18.48
CA GLU C 111 7.35 3.41 18.94
C GLU C 111 6.02 4.14 18.91
N PRO C 112 5.86 5.18 19.77
CA PRO C 112 4.68 6.00 19.68
C PRO C 112 4.68 6.87 18.40
N MET C 113 3.47 7.16 18.01
CA MET C 113 3.20 7.95 16.78
C MET C 113 2.28 9.10 17.16
N ARG C 114 2.74 10.31 17.02
CA ARG C 114 2.04 11.54 17.47
C ARG C 114 1.51 12.26 16.24
N LEU C 115 0.19 12.45 16.17
CA LEU C 115 -0.46 13.24 15.11
C LEU C 115 -0.99 14.54 15.71
N ALA C 116 -0.50 15.64 15.19
CA ALA C 116 -0.83 16.99 15.69
C ALA C 116 -2.23 17.39 15.20
N LYS C 117 -2.86 18.26 15.97
CA LYS C 117 -4.18 18.85 15.62
C LYS C 117 -4.02 19.83 14.45
N CYS C 118 -2.98 20.64 14.45
CA CYS C 118 -2.79 21.68 13.40
C CYS C 118 -4.06 22.50 13.23
N NO3 D . 1.45 9.95 -6.74
O1 NO3 D . 1.92 9.14 -5.92
O2 NO3 D . 1.90 9.97 -7.90
O3 NO3 D . 0.55 10.74 -6.41
C1 EDO E . -29.86 -17.90 -18.62
O1 EDO E . -30.34 -18.58 -19.75
C2 EDO E . -28.41 -18.18 -18.40
O2 EDO E . -27.58 -17.82 -19.50
N NO3 F . -8.48 26.72 -11.37
O1 NO3 F . -9.10 26.23 -12.31
O2 NO3 F . -8.33 26.06 -10.32
O3 NO3 F . -8.03 27.87 -11.45
N NO3 G . -6.90 -2.39 -7.74
O1 NO3 G . -7.16 -3.51 -8.09
O2 NO3 G . -5.84 -1.87 -8.10
O3 NO3 G . -7.72 -1.77 -7.02
N NO3 H . -1.06 -13.61 -10.91
O1 NO3 H . -0.93 -13.02 -9.83
O2 NO3 H . -1.96 -14.46 -11.04
O3 NO3 H . -0.27 -13.36 -11.83
N NO3 I . -6.70 -13.27 10.67
O1 NO3 I . -5.85 -13.13 9.75
O2 NO3 I . -6.53 -14.15 11.50
O3 NO3 I . -7.71 -12.53 10.75
C1 EDO J . 5.26 -15.21 30.40
O1 EDO J . 3.94 -14.78 30.53
C2 EDO J . 5.70 -15.11 28.99
O2 EDO J . 6.87 -14.38 28.81
#